data_2X39
#
_entry.id   2X39
#
_cell.length_a   45.273
_cell.length_b   60.518
_cell.length_c   132.592
_cell.angle_alpha   90.00
_cell.angle_beta   90.00
_cell.angle_gamma   90.00
#
_symmetry.space_group_name_H-M   'P 21 21 21'
#
loop_
_entity.id
_entity.type
_entity.pdbx_description
1 polymer 'RAC-BETA SERINE/THREONINE-PROTEIN KINASE'
2 polymer 'GLYCOGEN SYNTHASE KINASE-3 BETA'
3 non-polymer 4-AMINO-N-(4-CHLOROBENZYL)-1-(7H-PYRROLO[2,3-D]PYRIMIDIN-4-YL)PIPERIDINE-4-CARBOXAMIDE
4 water water
#
loop_
_entity_poly.entity_id
_entity_poly.type
_entity_poly.pdbx_seq_one_letter_code
_entity_poly.pdbx_strand_id
1 'polypeptide(L)'
;GAMDPKVTMNDFDYLKLLGKGTFGKVILVREKATGRYYAMKILRKEVIIAKDEVAHTVTESRVLQNTRHPFLTALKYAFQ
THDRLCFVMEYANGGELFFHLSRERVFTEERARFYGAEIVSALEYLHSRDVVYRDIKLENLMLDKDGHIKITDFGLCKEG
ISDGATMK(TPO)FCGTPEYLAPEVLEDNDYGRAVDWWGLGVVMYEMMCGRLPFYNQDHERLFELILMEEIRFPRTLSPE
AKSLLAGLLKKDPKQRLGGGPSDAKEVMEHRFFLSINWQDVVQKKLLPPFKPQVTSEVDTRYFDDEFTAQSITITPPDRY
DSLGLLELDQREEQEMFEDFDYIADW
;
A
2 'polypeptide(L)' GRPRTTSFAE C
#
loop_
_chem_comp.id
_chem_comp.type
_chem_comp.name
_chem_comp.formula
X39 non-polymer 4-AMINO-N-(4-CHLOROBENZYL)-1-(7H-PYRROLO[2,3-D]PYRIMIDIN-4-YL)PIPERIDINE-4-CARBOXAMIDE 'C19 H21 Cl N6 O'
#
# COMPACT_ATOMS: atom_id res chain seq x y z
N LYS A 6 7.98 -25.02 -13.23
CA LYS A 6 9.04 -24.00 -13.50
C LYS A 6 8.59 -22.88 -14.46
N VAL A 7 8.93 -21.63 -14.09
CA VAL A 7 8.44 -20.45 -14.81
C VAL A 7 9.60 -19.62 -15.36
N THR A 8 9.41 -19.10 -16.56
CA THR A 8 10.43 -18.33 -17.26
C THR A 8 9.84 -17.08 -17.90
N MET A 9 10.71 -16.11 -18.18
CA MET A 9 10.29 -14.88 -18.84
C MET A 9 9.51 -15.17 -20.12
N ASN A 10 9.87 -16.27 -20.81
CA ASN A 10 9.25 -16.62 -22.12
C ASN A 10 7.82 -17.14 -22.01
N ASP A 11 7.35 -17.34 -20.78
CA ASP A 11 5.97 -17.79 -20.54
C ASP A 11 4.96 -16.62 -20.64
N PHE A 12 5.44 -15.40 -20.92
CA PHE A 12 4.68 -14.18 -20.86
C PHE A 12 4.87 -13.26 -22.08
N ASP A 13 3.78 -12.60 -22.48
CA ASP A 13 3.83 -11.42 -23.33
C ASP A 13 3.91 -10.16 -22.43
N TYR A 14 4.80 -9.23 -22.76
CA TYR A 14 5.08 -8.03 -22.02
C TYR A 14 4.42 -6.87 -22.76
N LEU A 15 3.40 -6.28 -22.18
CA LEU A 15 2.51 -5.39 -22.89
C LEU A 15 2.68 -3.91 -22.60
N LYS A 16 2.70 -3.50 -21.34
CA LYS A 16 2.74 -2.07 -21.01
C LYS A 16 3.45 -1.89 -19.72
N LEU A 17 4.28 -0.87 -19.62
CA LEU A 17 4.85 -0.45 -18.36
C LEU A 17 3.75 0.20 -17.49
N LEU A 18 3.56 -0.32 -16.30
CA LEU A 18 2.56 0.22 -15.37
C LEU A 18 3.19 1.13 -14.31
N GLY A 19 4.44 0.85 -13.96
CA GLY A 19 5.14 1.63 -12.95
C GLY A 19 6.63 1.35 -12.99
N LYS A 20 7.42 2.23 -12.40
CA LYS A 20 8.88 2.15 -12.54
C LYS A 20 9.60 2.87 -11.41
N GLY A 21 10.03 2.11 -10.39
CA GLY A 21 10.90 2.62 -9.30
C GLY A 21 12.39 2.61 -9.65
N THR A 22 13.23 2.95 -8.67
CA THR A 22 14.69 2.83 -8.82
C THR A 22 15.05 1.36 -8.91
N PHE A 23 14.47 0.57 -8.01
CA PHE A 23 14.85 -0.84 -7.86
C PHE A 23 14.06 -1.81 -8.73
N GLY A 24 13.30 -1.29 -9.71
CA GLY A 24 12.59 -2.17 -10.64
C GLY A 24 11.45 -1.53 -11.41
N LYS A 25 10.76 -2.35 -12.20
CA LYS A 25 9.63 -1.91 -13.00
C LYS A 25 8.48 -2.89 -12.91
N VAL A 26 7.28 -2.41 -13.18
CA VAL A 26 6.10 -3.28 -13.17
C VAL A 26 5.53 -3.21 -14.57
N ILE A 27 5.31 -4.38 -15.15
CA ILE A 27 4.82 -4.53 -16.51
C ILE A 27 3.54 -5.34 -16.53
N LEU A 28 2.58 -4.88 -17.31
CA LEU A 28 1.39 -5.63 -17.61
C LEU A 28 1.82 -6.78 -18.54
N VAL A 29 1.59 -8.01 -18.10
CA VAL A 29 1.95 -9.22 -18.88
C VAL A 29 0.73 -10.11 -19.12
N ARG A 30 0.77 -10.88 -20.19
CA ARG A 30 -0.19 -11.94 -20.42
C ARG A 30 0.53 -13.29 -20.33
N GLU A 31 -0.03 -14.21 -19.55
CA GLU A 31 0.47 -15.58 -19.50
C GLU A 31 -0.01 -16.27 -20.78
N LYS A 32 0.94 -16.68 -21.60
CA LYS A 32 0.61 -17.19 -22.94
C LYS A 32 -0.29 -18.43 -22.92
N ALA A 33 0.00 -19.37 -22.02
CA ALA A 33 -0.69 -20.66 -21.97
C ALA A 33 -2.14 -20.54 -21.56
N THR A 34 -2.46 -19.50 -20.77
CA THR A 34 -3.79 -19.30 -20.21
C THR A 34 -4.54 -18.07 -20.76
N GLY A 35 -3.84 -17.09 -21.34
CA GLY A 35 -4.51 -15.85 -21.79
C GLY A 35 -4.81 -14.88 -20.62
N ARG A 36 -4.28 -15.19 -19.44
CA ARG A 36 -4.53 -14.37 -18.24
C ARG A 36 -3.51 -13.25 -18.12
N TYR A 37 -3.97 -12.12 -17.56
CA TYR A 37 -3.14 -10.96 -17.36
C TYR A 37 -2.78 -10.79 -15.87
N TYR A 38 -1.56 -10.33 -15.67
CA TYR A 38 -0.97 -10.17 -14.34
C TYR A 38 -0.07 -8.93 -14.39
N ALA A 39 0.36 -8.49 -13.22
CA ALA A 39 1.33 -7.45 -13.10
C ALA A 39 2.64 -8.15 -12.66
N MET A 40 3.68 -8.01 -13.48
CA MET A 40 4.98 -8.52 -13.13
C MET A 40 5.94 -7.44 -12.65
N LYS A 41 6.43 -7.58 -11.42
CA LYS A 41 7.51 -6.73 -10.92
C LYS A 41 8.84 -7.37 -11.27
N ILE A 42 9.68 -6.65 -12.03
CA ILE A 42 10.96 -7.16 -12.48
C ILE A 42 12.03 -6.34 -11.79
N LEU A 43 12.87 -7.03 -11.02
CA LEU A 43 14.00 -6.39 -10.32
C LEU A 43 15.29 -6.95 -10.88
N ARG A 44 16.34 -6.14 -10.91
CA ARG A 44 17.64 -6.55 -11.38
C ARG A 44 18.53 -7.03 -10.23
N LYS A 45 18.92 -8.29 -10.25
CA LYS A 45 19.68 -8.84 -9.12
C LYS A 45 20.90 -8.00 -8.77
N GLU A 46 21.62 -7.54 -9.79
CA GLU A 46 22.91 -6.86 -9.58
C GLU A 46 22.71 -5.61 -8.76
N VAL A 47 21.63 -4.89 -9.09
CA VAL A 47 21.28 -3.68 -8.41
C VAL A 47 20.84 -4.04 -7.01
N ILE A 48 19.95 -5.02 -6.92
CA ILE A 48 19.40 -5.42 -5.61
C ILE A 48 20.53 -5.77 -4.63
N ILE A 49 21.51 -6.54 -5.10
CA ILE A 49 22.64 -7.00 -4.26
C ILE A 49 23.57 -5.84 -3.86
N ALA A 50 24.11 -5.16 -4.87
CA ALA A 50 24.95 -3.98 -4.67
C ALA A 50 24.33 -2.92 -3.74
N LYS A 51 23.01 -2.70 -3.81
CA LYS A 51 22.36 -1.64 -3.00
C LYS A 51 21.76 -2.15 -1.68
N ASP A 52 22.10 -3.39 -1.32
CA ASP A 52 21.68 -3.97 -0.06
C ASP A 52 20.13 -3.99 0.07
N GLU A 53 19.44 -4.37 -1.01
CA GLU A 53 17.98 -4.47 -0.99
C GLU A 53 17.51 -5.94 -0.96
N VAL A 54 18.43 -6.83 -0.62
CA VAL A 54 18.15 -8.25 -0.61
C VAL A 54 17.15 -8.59 0.48
N ALA A 55 17.38 -8.06 1.68
CA ALA A 55 16.46 -8.35 2.80
C ALA A 55 15.04 -7.87 2.50
N HIS A 56 14.89 -6.65 1.97
CA HIS A 56 13.57 -6.15 1.60
C HIS A 56 12.89 -7.05 0.55
N THR A 57 13.64 -7.46 -0.47
CA THR A 57 13.11 -8.30 -1.54
C THR A 57 12.68 -9.67 -1.07
N VAL A 58 13.47 -10.28 -0.19
CA VAL A 58 13.11 -11.58 0.40
C VAL A 58 11.86 -11.40 1.30
N THR A 59 11.82 -10.30 2.05
CA THR A 59 10.65 -10.01 2.87
C THR A 59 9.38 -9.86 2.04
N GLU A 60 9.44 -9.08 0.94
CA GLU A 60 8.26 -8.93 0.11
C GLU A 60 7.83 -10.31 -0.42
N SER A 61 8.78 -11.12 -0.87
CA SER A 61 8.47 -12.52 -1.27
C SER A 61 7.78 -13.33 -0.15
N ARG A 62 8.35 -13.35 1.04
CA ARG A 62 7.74 -14.15 2.13
C ARG A 62 6.36 -13.68 2.50
N VAL A 63 6.19 -12.35 2.55
CA VAL A 63 4.93 -11.80 2.92
C VAL A 63 3.88 -12.23 1.89
N LEU A 64 4.24 -12.07 0.61
CA LEU A 64 3.33 -12.40 -0.50
C LEU A 64 3.07 -13.92 -0.48
N GLN A 65 4.05 -14.74 -0.11
CA GLN A 65 3.81 -16.19 -0.07
C GLN A 65 2.91 -16.61 1.05
N ASN A 66 2.90 -15.85 2.14
CA ASN A 66 2.21 -16.25 3.34
C ASN A 66 1.01 -15.35 3.68
N THR A 67 0.47 -14.64 2.69
CA THR A 67 -0.78 -13.90 2.91
C THR A 67 -1.85 -14.18 1.82
N ARG A 68 -3.09 -14.15 2.27
CA ARG A 68 -4.25 -14.37 1.42
C ARG A 68 -5.38 -13.55 1.97
N HIS A 69 -5.74 -12.48 1.26
CA HIS A 69 -6.79 -11.62 1.73
C HIS A 69 -7.27 -10.86 0.47
N PRO A 70 -8.59 -10.61 0.37
CA PRO A 70 -9.11 -9.94 -0.82
C PRO A 70 -8.58 -8.53 -1.07
N PHE A 71 -8.08 -7.84 -0.04
CA PHE A 71 -7.63 -6.47 -0.22
C PHE A 71 -6.11 -6.35 -0.22
N LEU A 72 -5.42 -7.50 -0.39
CA LEU A 72 -3.97 -7.54 -0.65
C LEU A 72 -3.76 -8.15 -2.03
N THR A 73 -2.85 -7.59 -2.81
CA THR A 73 -2.56 -8.18 -4.08
C THR A 73 -1.91 -9.56 -3.82
N ALA A 74 -2.45 -10.60 -4.44
CA ALA A 74 -1.91 -11.97 -4.32
C ALA A 74 -0.78 -12.27 -5.29
N LEU A 75 0.17 -13.09 -4.85
CA LEU A 75 1.26 -13.59 -5.69
C LEU A 75 0.88 -14.89 -6.42
N LYS A 76 1.02 -14.88 -7.73
CA LYS A 76 0.73 -16.04 -8.55
C LYS A 76 2.00 -16.88 -8.73
N TYR A 77 3.07 -16.22 -9.18
CA TYR A 77 4.37 -16.83 -9.34
C TYR A 77 5.47 -15.90 -8.89
N ALA A 78 6.49 -16.45 -8.24
CA ALA A 78 7.75 -15.73 -8.10
C ALA A 78 8.82 -16.63 -8.68
N PHE A 79 9.67 -16.08 -9.54
CA PHE A 79 10.74 -16.85 -10.14
C PHE A 79 11.94 -15.96 -10.41
N GLN A 80 13.07 -16.59 -10.69
CA GLN A 80 14.27 -15.84 -10.93
C GLN A 80 14.94 -16.34 -12.18
N THR A 81 15.75 -15.48 -12.79
CA THR A 81 16.69 -15.88 -13.83
C THR A 81 18.08 -15.55 -13.31
N HIS A 82 19.11 -15.72 -14.13
CA HIS A 82 20.46 -15.41 -13.68
C HIS A 82 20.64 -13.95 -13.27
N ASP A 83 19.90 -13.02 -13.88
CA ASP A 83 20.06 -11.60 -13.55
C ASP A 83 18.80 -10.87 -13.05
N ARG A 84 17.67 -11.57 -12.90
CA ARG A 84 16.39 -10.92 -12.52
C ARG A 84 15.57 -11.71 -11.53
N LEU A 85 14.74 -10.97 -10.80
CA LEU A 85 13.78 -11.50 -9.87
C LEU A 85 12.44 -11.01 -10.36
N CYS A 86 11.47 -11.91 -10.43
CA CYS A 86 10.17 -11.56 -10.99
C CYS A 86 9.08 -12.00 -10.07
N PHE A 87 8.19 -11.05 -9.75
CA PHE A 87 6.97 -11.31 -9.01
C PHE A 87 5.79 -11.16 -9.95
N VAL A 88 5.02 -12.22 -10.15
CA VAL A 88 3.81 -12.19 -10.96
C VAL A 88 2.61 -12.14 -10.02
N MET A 89 1.92 -11.00 -10.03
CA MET A 89 0.88 -10.68 -9.08
C MET A 89 -0.42 -10.33 -9.78
N GLU A 90 -1.48 -10.38 -9.01
CA GLU A 90 -2.79 -9.98 -9.48
C GLU A 90 -2.66 -8.55 -10.01
N TYR A 91 -3.22 -8.33 -11.20
CA TYR A 91 -3.20 -7.02 -11.89
C TYR A 91 -4.35 -6.18 -11.38
N ALA A 92 -4.03 -5.06 -10.76
CA ALA A 92 -5.05 -4.09 -10.34
C ALA A 92 -5.37 -3.10 -11.50
N ASN A 93 -6.44 -3.36 -12.25
CA ASN A 93 -6.78 -2.61 -13.50
C ASN A 93 -7.16 -1.15 -13.26
N GLY A 94 -7.59 -0.83 -12.05
CA GLY A 94 -8.09 0.51 -11.75
C GLY A 94 -7.03 1.49 -11.33
N GLY A 95 -5.78 1.07 -11.28
CA GLY A 95 -4.69 1.98 -11.01
C GLY A 95 -4.60 2.34 -9.54
N GLU A 96 -3.83 3.36 -9.23
CA GLU A 96 -3.57 3.79 -7.84
C GLU A 96 -4.65 4.73 -7.41
N LEU A 97 -4.97 4.71 -6.12
CA LEU A 97 -5.83 5.70 -5.55
C LEU A 97 -5.29 7.09 -5.77
N PHE A 98 -3.96 7.21 -5.83
CA PHE A 98 -3.30 8.46 -6.15
C PHE A 98 -3.76 9.05 -7.48
N PHE A 99 -4.01 8.19 -8.46
CA PHE A 99 -4.46 8.59 -9.76
C PHE A 99 -5.83 9.24 -9.62
N HIS A 100 -6.70 8.57 -8.91
CA HIS A 100 -8.09 8.93 -8.82
C HIS A 100 -8.28 10.21 -7.99
N LEU A 101 -7.55 10.27 -6.88
CA LEU A 101 -7.68 11.40 -6.02
C LEU A 101 -7.15 12.65 -6.68
N SER A 102 -6.03 12.53 -7.38
CA SER A 102 -5.51 13.66 -8.14
C SER A 102 -6.49 14.16 -9.19
N ARG A 103 -7.20 13.28 -9.87
CA ARG A 103 -8.22 13.69 -10.81
C ARG A 103 -9.39 14.40 -10.14
N GLU A 104 -9.90 13.82 -9.05
CA GLU A 104 -11.15 14.23 -8.43
C GLU A 104 -10.96 15.29 -7.33
N ARG A 105 -9.71 15.45 -6.91
CA ARG A 105 -9.28 16.38 -5.85
C ARG A 105 -9.65 15.92 -4.44
N VAL A 106 -10.86 15.41 -4.28
CA VAL A 106 -11.35 15.03 -2.97
C VAL A 106 -12.43 13.97 -3.18
N PHE A 107 -12.56 13.04 -2.21
CA PHE A 107 -13.62 12.06 -2.21
C PHE A 107 -14.73 12.49 -1.22
N THR A 108 -15.95 12.08 -1.52
CA THR A 108 -17.00 12.15 -0.49
C THR A 108 -16.59 11.35 0.74
N GLU A 109 -17.19 11.65 1.87
CA GLU A 109 -16.96 10.88 3.08
C GLU A 109 -17.38 9.42 2.93
N GLU A 110 -18.46 9.17 2.20
CA GLU A 110 -18.94 7.79 2.02
C GLU A 110 -17.97 6.98 1.16
N ARG A 111 -17.44 7.61 0.13
CA ARG A 111 -16.39 6.94 -0.66
C ARG A 111 -15.10 6.71 0.14
N ALA A 112 -14.63 7.71 0.89
CA ALA A 112 -13.48 7.53 1.77
C ALA A 112 -13.73 6.44 2.82
N ARG A 113 -14.94 6.35 3.35
CA ARG A 113 -15.31 5.32 4.29
C ARG A 113 -15.22 3.91 3.71
N PHE A 114 -15.62 3.76 2.45
CA PHE A 114 -15.60 2.44 1.84
C PHE A 114 -14.12 2.00 1.70
N TYR A 115 -13.28 2.87 1.17
CA TYR A 115 -11.85 2.57 1.02
C TYR A 115 -11.18 2.39 2.35
N GLY A 116 -11.48 3.28 3.30
CA GLY A 116 -10.93 3.19 4.65
C GLY A 116 -11.23 1.84 5.31
N ALA A 117 -12.45 1.34 5.15
CA ALA A 117 -12.87 0.10 5.78
C ALA A 117 -12.08 -1.07 5.21
N GLU A 118 -11.92 -1.07 3.90
CA GLU A 118 -11.11 -2.10 3.24
C GLU A 118 -9.67 -2.09 3.67
N ILE A 119 -9.09 -0.91 3.75
CA ILE A 119 -7.73 -0.78 4.29
C ILE A 119 -7.64 -1.28 5.75
N VAL A 120 -8.63 -0.93 6.57
CA VAL A 120 -8.65 -1.37 7.98
C VAL A 120 -8.70 -2.89 8.05
N SER A 121 -9.53 -3.53 7.22
CA SER A 121 -9.58 -4.99 7.12
C SER A 121 -8.28 -5.62 6.71
N ALA A 122 -7.60 -5.03 5.72
CA ALA A 122 -6.32 -5.49 5.23
C ALA A 122 -5.22 -5.37 6.31
N LEU A 123 -5.24 -4.25 7.02
CA LEU A 123 -4.32 -3.95 8.16
C LEU A 123 -4.56 -4.91 9.32
N GLU A 124 -5.81 -5.13 9.65
CA GLU A 124 -6.20 -6.11 10.67
C GLU A 124 -5.64 -7.46 10.33
N TYR A 125 -5.85 -7.88 9.09
CA TYR A 125 -5.39 -9.17 8.63
C TYR A 125 -3.88 -9.24 8.75
N LEU A 126 -3.21 -8.21 8.25
CA LEU A 126 -1.71 -8.17 8.32
C LEU A 126 -1.17 -8.30 9.74
N HIS A 127 -1.69 -7.50 10.65
CA HIS A 127 -1.28 -7.52 12.03
C HIS A 127 -1.58 -8.88 12.66
N SER A 128 -2.67 -9.52 12.22
CA SER A 128 -3.00 -10.90 12.65
C SER A 128 -1.97 -11.94 12.18
N ARG A 129 -1.21 -11.63 11.13
CA ARG A 129 -0.13 -12.49 10.64
C ARG A 129 1.24 -11.99 11.14
N ASP A 130 1.20 -11.11 12.12
CA ASP A 130 2.38 -10.54 12.74
C ASP A 130 3.18 -9.69 11.78
N VAL A 131 2.48 -9.06 10.83
CA VAL A 131 3.15 -8.21 9.85
C VAL A 131 2.74 -6.77 10.07
N VAL A 132 3.72 -5.88 10.15
CA VAL A 132 3.52 -4.45 10.11
C VAL A 132 3.89 -3.96 8.71
N TYR A 133 2.97 -3.22 8.10
CA TYR A 133 3.09 -2.86 6.68
C TYR A 133 4.05 -1.68 6.48
N ARG A 134 3.91 -0.65 7.31
CA ARG A 134 4.84 0.51 7.37
C ARG A 134 4.88 1.49 6.20
N ASP A 135 4.24 1.19 5.09
CA ASP A 135 4.29 2.10 3.96
C ASP A 135 2.91 2.45 3.39
N ILE A 136 1.90 2.65 4.24
CA ILE A 136 0.58 2.99 3.74
C ILE A 136 0.73 4.38 3.05
N LYS A 137 0.34 4.47 1.77
CA LYS A 137 0.25 5.70 1.04
C LYS A 137 -0.65 5.53 -0.18
N LEU A 138 -1.04 6.63 -0.82
CA LEU A 138 -1.95 6.60 -1.97
C LEU A 138 -1.40 5.85 -3.17
N GLU A 139 -0.09 5.86 -3.34
CA GLU A 139 0.54 5.12 -4.47
C GLU A 139 0.48 3.57 -4.33
N ASN A 140 0.40 3.10 -3.10
CA ASN A 140 0.45 1.68 -2.77
C ASN A 140 -0.94 1.11 -2.59
N LEU A 141 -1.96 1.93 -2.79
CA LEU A 141 -3.35 1.51 -2.64
C LEU A 141 -3.96 1.47 -4.03
N MET A 142 -4.14 0.29 -4.58
CA MET A 142 -4.71 0.18 -5.94
C MET A 142 -6.13 -0.17 -5.88
N LEU A 143 -6.79 0.00 -7.03
CA LEU A 143 -8.16 -0.47 -7.23
C LEU A 143 -8.16 -1.62 -8.24
N ASP A 144 -8.83 -2.72 -7.91
CA ASP A 144 -9.02 -3.80 -8.83
C ASP A 144 -10.17 -3.47 -9.77
N LYS A 145 -10.43 -4.40 -10.67
CA LYS A 145 -11.41 -4.24 -11.70
C LYS A 145 -12.83 -3.99 -11.19
N ASP A 146 -13.14 -4.43 -9.97
CA ASP A 146 -14.43 -4.20 -9.38
C ASP A 146 -14.53 -2.93 -8.55
N GLY A 147 -13.38 -2.33 -8.22
CA GLY A 147 -13.33 -1.09 -7.46
C GLY A 147 -12.97 -1.27 -5.99
N HIS A 148 -12.50 -2.47 -5.64
CA HIS A 148 -11.99 -2.77 -4.32
C HIS A 148 -10.52 -2.43 -4.17
N ILE A 149 -10.16 -2.08 -2.97
CA ILE A 149 -8.74 -1.85 -2.62
C ILE A 149 -7.87 -3.07 -2.70
N LYS A 150 -6.66 -2.91 -3.26
CA LYS A 150 -5.62 -3.92 -3.33
C LYS A 150 -4.35 -3.22 -2.84
N ILE A 151 -3.84 -3.59 -1.67
CA ILE A 151 -2.53 -3.07 -1.17
C ILE A 151 -1.43 -3.80 -1.88
N THR A 152 -0.43 -3.04 -2.36
CA THR A 152 0.68 -3.53 -3.11
C THR A 152 1.97 -3.04 -2.43
N ASP A 153 3.09 -3.64 -2.82
CA ASP A 153 4.45 -3.18 -2.40
C ASP A 153 4.73 -3.48 -0.92
N PHE A 154 5.14 -4.73 -0.65
CA PHE A 154 5.36 -5.23 0.69
C PHE A 154 6.84 -5.21 1.16
N GLY A 155 7.67 -4.50 0.42
CA GLY A 155 9.09 -4.49 0.67
C GLY A 155 9.56 -3.91 1.98
N LEU A 156 8.73 -3.06 2.59
CA LEU A 156 9.07 -2.40 3.85
C LEU A 156 8.39 -3.06 5.05
N CYS A 157 7.61 -4.11 4.81
CA CYS A 157 7.00 -4.84 5.89
C CYS A 157 8.05 -5.35 6.86
N LYS A 158 7.65 -5.48 8.12
CA LYS A 158 8.42 -6.22 9.10
C LYS A 158 7.55 -7.38 9.53
N GLU A 159 8.13 -8.58 9.56
CA GLU A 159 7.45 -9.77 10.05
C GLU A 159 7.75 -10.09 11.52
N GLY A 160 6.98 -11.01 12.07
CA GLY A 160 7.16 -11.48 13.42
C GLY A 160 6.95 -10.43 14.49
N ILE A 161 6.06 -9.46 14.21
CA ILE A 161 5.65 -8.42 15.16
C ILE A 161 4.26 -8.69 15.72
N SER A 162 4.19 -9.23 16.94
CA SER A 162 2.93 -9.46 17.62
C SER A 162 2.76 -8.48 18.77
N ASP A 163 1.51 -8.21 19.14
CA ASP A 163 1.20 -7.48 20.37
C ASP A 163 2.02 -6.17 20.40
N GLY A 164 2.88 -6.02 21.43
CA GLY A 164 3.68 -4.82 21.62
C GLY A 164 5.15 -4.94 21.23
N ALA A 165 5.46 -5.81 20.27
CA ALA A 165 6.84 -5.96 19.82
C ALA A 165 7.21 -4.72 18.99
N THR A 166 8.48 -4.35 18.96
CA THR A 166 8.86 -3.09 18.32
C THR A 166 9.84 -3.30 17.19
N MET A 167 10.08 -2.22 16.48
CA MET A 167 10.93 -2.17 15.31
C MET A 167 11.81 -0.95 15.35
N LYS A 168 12.91 -0.98 14.61
CA LYS A 168 13.91 0.07 14.71
C LYS A 168 14.26 0.74 13.41
N TPO A 169 13.93 0.16 12.26
CA TPO A 169 14.34 0.73 10.99
CB TPO A 169 14.19 -0.26 9.85
CG2 TPO A 169 14.81 0.26 8.56
OG1 TPO A 169 14.77 -1.52 10.19
P TPO A 169 13.84 -2.83 10.29
O1P TPO A 169 13.37 -3.05 8.90
O2P TPO A 169 12.74 -2.44 11.20
O3P TPO A 169 14.73 -3.90 10.81
C TPO A 169 13.63 2.01 10.63
O TPO A 169 12.40 2.10 10.64
N PHE A 170 14.44 3.02 10.30
CA PHE A 170 13.95 4.28 9.77
C PHE A 170 13.58 4.11 8.30
N CYS A 171 12.27 4.01 8.02
CA CYS A 171 11.77 3.68 6.69
C CYS A 171 10.32 4.05 6.55
N GLY A 172 9.87 4.06 5.31
CA GLY A 172 8.51 4.47 4.94
C GLY A 172 8.61 5.45 3.78
N THR A 173 7.73 6.43 3.79
CA THR A 173 7.75 7.53 2.84
C THR A 173 7.69 8.79 3.68
N PRO A 174 8.55 9.77 3.42
CA PRO A 174 8.67 10.95 4.27
C PRO A 174 7.40 11.64 4.70
N GLU A 175 6.50 11.86 3.76
CA GLU A 175 5.27 12.63 3.97
C GLU A 175 4.32 11.83 4.83
N TYR A 176 4.51 10.53 4.87
CA TYR A 176 3.67 9.68 5.63
C TYR A 176 4.26 9.14 6.95
N LEU A 177 5.48 9.52 7.29
CA LEU A 177 6.08 9.00 8.51
C LEU A 177 5.34 9.40 9.79
N ALA A 178 5.15 8.45 10.68
CA ALA A 178 4.53 8.68 11.95
C ALA A 178 5.57 9.42 12.81
N PRO A 179 5.08 10.28 13.71
CA PRO A 179 6.00 11.04 14.59
C PRO A 179 6.98 10.19 15.41
N GLU A 180 6.54 9.03 15.94
CA GLU A 180 7.43 8.17 16.68
C GLU A 180 8.59 7.65 15.85
N VAL A 181 8.41 7.50 14.55
CA VAL A 181 9.50 7.02 13.70
C VAL A 181 10.54 8.14 13.53
N LEU A 182 10.12 9.38 13.78
CA LEU A 182 11.02 10.56 13.63
C LEU A 182 11.73 10.84 14.97
N GLU A 183 11.48 9.98 15.96
CA GLU A 183 12.22 9.99 17.22
C GLU A 183 13.19 8.80 17.24
N ASP A 184 14.15 8.80 18.17
CA ASP A 184 15.14 7.76 18.22
C ASP A 184 14.51 6.49 18.78
N ASN A 185 15.21 5.40 18.58
CA ASN A 185 14.86 4.14 19.24
C ASN A 185 13.66 3.51 18.49
N ASP A 186 12.82 2.76 19.19
CA ASP A 186 11.93 1.79 18.53
C ASP A 186 10.49 2.26 18.50
N TYR A 187 9.69 1.59 17.67
CA TYR A 187 8.27 1.90 17.51
C TYR A 187 7.50 0.61 17.25
N GLY A 188 6.19 0.67 17.52
CA GLY A 188 5.33 -0.47 17.37
C GLY A 188 4.36 -0.33 16.22
N ARG A 189 3.45 -1.29 16.15
CA ARG A 189 2.59 -1.47 14.97
C ARG A 189 1.57 -0.35 14.70
N ALA A 190 1.42 0.53 15.68
CA ALA A 190 0.49 1.65 15.57
C ALA A 190 0.91 2.63 14.47
N VAL A 191 2.13 2.53 13.94
CA VAL A 191 2.53 3.32 12.80
C VAL A 191 1.55 3.13 11.61
N ASP A 192 0.98 1.95 11.47
CA ASP A 192 0.04 1.67 10.38
C ASP A 192 -1.26 2.48 10.48
N TRP A 193 -1.67 2.83 11.69
CA TRP A 193 -2.92 3.59 11.91
C TRP A 193 -2.63 5.03 11.61
N TRP A 194 -1.40 5.47 11.90
CA TRP A 194 -1.00 6.81 11.47
C TRP A 194 -1.12 6.96 9.95
N GLY A 195 -0.57 5.97 9.22
CA GLY A 195 -0.61 5.99 7.78
C GLY A 195 -2.03 5.97 7.21
N LEU A 196 -2.91 5.18 7.83
CA LEU A 196 -4.33 5.22 7.46
C LEU A 196 -4.85 6.63 7.64
N GLY A 197 -4.52 7.29 8.74
CA GLY A 197 -5.04 8.62 8.98
C GLY A 197 -4.58 9.62 7.92
N VAL A 198 -3.34 9.50 7.48
CA VAL A 198 -2.84 10.39 6.45
C VAL A 198 -3.64 10.14 5.15
N VAL A 199 -3.82 8.89 4.74
CA VAL A 199 -4.55 8.62 3.50
C VAL A 199 -6.01 9.01 3.62
N MET A 200 -6.61 8.79 4.78
CA MET A 200 -7.97 9.22 4.98
C MET A 200 -8.12 10.76 4.93
N TYR A 201 -7.18 11.45 5.56
CA TYR A 201 -7.14 12.87 5.53
C TYR A 201 -7.00 13.37 4.06
N GLU A 202 -6.09 12.77 3.29
CA GLU A 202 -5.93 13.17 1.89
C GLU A 202 -7.27 12.94 1.15
N MET A 203 -7.93 11.81 1.46
CA MET A 203 -9.16 11.47 0.71
C MET A 203 -10.29 12.44 1.00
N MET A 204 -10.42 12.88 2.26
CA MET A 204 -11.59 13.71 2.63
C MET A 204 -11.29 15.20 2.63
N CYS A 205 -9.99 15.58 2.70
CA CYS A 205 -9.58 17.00 2.78
C CYS A 205 -8.82 17.46 1.55
N GLY A 206 -8.38 16.53 0.71
CA GLY A 206 -7.78 16.88 -0.55
C GLY A 206 -6.34 17.33 -0.54
N ARG A 207 -5.64 17.11 0.57
CA ARG A 207 -4.22 17.42 0.67
C ARG A 207 -3.62 16.59 1.80
N LEU A 208 -2.30 16.45 1.79
CA LEU A 208 -1.58 15.94 2.93
C LEU A 208 -1.84 16.82 4.17
N PRO A 209 -1.90 16.18 5.33
CA PRO A 209 -2.06 17.00 6.52
C PRO A 209 -0.81 17.85 6.84
N PHE A 210 0.38 17.34 6.48
CA PHE A 210 1.67 18.07 6.66
C PHE A 210 2.46 18.03 5.41
N TYR A 211 2.89 19.18 4.92
CA TYR A 211 3.72 19.19 3.74
C TYR A 211 4.72 20.35 3.66
N ASN A 212 5.96 20.00 3.32
CA ASN A 212 6.96 20.93 2.91
C ASN A 212 7.91 20.16 2.00
N GLN A 213 8.43 20.86 0.96
CA GLN A 213 9.39 20.28 0.02
C GLN A 213 10.69 19.90 0.68
N ASP A 214 11.08 20.67 1.70
CA ASP A 214 12.28 20.40 2.49
C ASP A 214 11.97 19.36 3.63
N HIS A 215 12.58 18.18 3.55
CA HIS A 215 12.38 17.13 4.56
C HIS A 215 12.63 17.54 6.00
N GLU A 216 13.54 18.47 6.23
CA GLU A 216 13.75 18.98 7.59
C GLU A 216 12.51 19.70 8.11
N ARG A 217 11.94 20.58 7.29
CA ARG A 217 10.69 21.27 7.68
C ARG A 217 9.51 20.31 7.77
N LEU A 218 9.45 19.38 6.83
CA LEU A 218 8.35 18.41 6.81
C LEU A 218 8.35 17.62 8.11
N PHE A 219 9.53 17.20 8.55
CA PHE A 219 9.58 16.33 9.74
C PHE A 219 9.25 17.15 10.98
N GLU A 220 9.64 18.41 11.03
CA GLU A 220 9.18 19.32 12.09
C GLU A 220 7.66 19.46 12.18
N LEU A 221 7.02 19.62 11.04
CA LEU A 221 5.57 19.70 11.00
C LEU A 221 4.96 18.45 11.57
N ILE A 222 5.36 17.31 11.04
CA ILE A 222 4.84 16.03 11.54
C ILE A 222 4.96 15.91 13.07
N LEU A 223 6.12 16.26 13.61
CA LEU A 223 6.34 16.14 15.04
C LEU A 223 5.60 17.16 15.86
N MET A 224 5.51 18.37 15.33
CA MET A 224 5.12 19.54 16.16
C MET A 224 3.86 20.29 15.77
N GLU A 225 3.37 20.15 14.53
CA GLU A 225 2.25 20.97 14.03
C GLU A 225 0.91 20.31 14.29
N GLU A 226 -0.11 21.09 14.64
CA GLU A 226 -1.43 20.50 14.84
C GLU A 226 -2.13 20.47 13.50
N ILE A 227 -2.95 19.46 13.28
CA ILE A 227 -3.69 19.36 12.02
C ILE A 227 -4.90 20.29 12.06
N ARG A 228 -5.33 20.64 10.88
CA ARG A 228 -6.47 21.48 10.66
C ARG A 228 -7.40 20.67 9.81
N PHE A 229 -8.66 21.00 9.99
CA PHE A 229 -9.78 20.43 9.30
C PHE A 229 -10.60 21.50 8.59
N PRO A 230 -11.14 21.15 7.43
CA PRO A 230 -12.19 21.93 6.79
C PRO A 230 -13.38 22.09 7.73
N ARG A 231 -13.97 23.30 7.80
CA ARG A 231 -15.11 23.54 8.68
C ARG A 231 -16.27 22.59 8.44
N THR A 232 -16.45 22.12 7.20
CA THR A 232 -17.62 21.36 6.85
C THR A 232 -17.37 19.85 6.94
N LEU A 233 -16.17 19.43 7.33
CA LEU A 233 -15.97 17.99 7.60
C LEU A 233 -16.94 17.57 8.71
N SER A 234 -17.54 16.38 8.58
CA SER A 234 -18.53 15.94 9.59
C SER A 234 -17.81 15.80 10.93
N PRO A 235 -18.53 15.91 12.08
CA PRO A 235 -17.84 15.75 13.35
C PRO A 235 -17.20 14.34 13.46
N GLU A 236 -17.87 13.33 12.90
CA GLU A 236 -17.33 11.95 12.97
C GLU A 236 -16.02 11.78 12.16
N ALA A 237 -15.92 12.42 11.00
CA ALA A 237 -14.70 12.42 10.20
C ALA A 237 -13.60 13.20 10.92
N LYS A 238 -13.93 14.36 11.50
CA LYS A 238 -12.93 15.12 12.29
C LYS A 238 -12.38 14.27 13.43
N SER A 239 -13.30 13.56 14.11
CA SER A 239 -12.91 12.76 15.24
C SER A 239 -12.05 11.58 14.79
N LEU A 240 -12.43 10.91 13.71
CA LEU A 240 -11.62 9.79 13.15
C LEU A 240 -10.21 10.27 12.83
N LEU A 241 -10.10 11.38 12.07
CA LEU A 241 -8.79 11.93 11.67
C LEU A 241 -7.96 12.36 12.88
N ALA A 242 -8.58 13.02 13.85
CA ALA A 242 -7.83 13.45 15.04
C ALA A 242 -7.36 12.24 15.79
N GLY A 243 -8.16 11.15 15.76
CA GLY A 243 -7.82 9.92 16.50
C GLY A 243 -6.63 9.17 15.84
N LEU A 244 -6.68 9.05 14.53
CA LEU A 244 -5.60 8.36 13.82
C LEU A 244 -4.35 9.16 13.72
N LEU A 245 -4.48 10.48 13.66
CA LEU A 245 -3.29 11.33 13.59
C LEU A 245 -2.88 11.90 14.96
N LYS A 246 -3.20 11.16 16.03
CA LYS A 246 -2.68 11.50 17.35
C LYS A 246 -1.19 11.25 17.28
N LYS A 247 -0.38 12.20 17.73
CA LYS A 247 1.09 12.06 17.60
C LYS A 247 1.66 10.95 18.52
N ASP A 248 1.10 10.82 19.70
CA ASP A 248 1.52 9.76 20.64
C ASP A 248 0.84 8.45 20.26
N PRO A 249 1.60 7.43 19.82
CA PRO A 249 0.95 6.17 19.38
C PRO A 249 0.14 5.50 20.49
N LYS A 250 0.48 5.70 21.76
CA LYS A 250 -0.32 5.10 22.85
C LYS A 250 -1.71 5.76 23.00
N GLN A 251 -1.86 7.00 22.53
CA GLN A 251 -3.14 7.70 22.57
C GLN A 251 -3.87 7.58 21.23
N ARG A 252 -3.16 7.09 20.20
CA ARG A 252 -3.71 6.98 18.86
C ARG A 252 -4.83 5.94 18.75
N LEU A 253 -5.85 6.27 17.96
CA LEU A 253 -6.91 5.32 17.62
C LEU A 253 -6.26 4.13 16.90
N GLY A 254 -6.39 2.93 17.46
CA GLY A 254 -5.66 1.78 16.97
C GLY A 254 -4.37 1.52 17.71
N GLY A 255 -3.97 2.47 18.53
CA GLY A 255 -2.70 2.41 19.25
C GLY A 255 -2.75 1.58 20.53
N GLY A 256 -3.95 1.34 21.04
CA GLY A 256 -4.13 0.52 22.24
C GLY A 256 -4.01 -0.98 22.00
N PRO A 257 -4.25 -1.78 23.07
CA PRO A 257 -4.08 -3.22 22.98
C PRO A 257 -4.93 -3.89 21.92
N SER A 258 -6.13 -3.38 21.66
CA SER A 258 -7.04 -4.02 20.69
C SER A 258 -6.82 -3.63 19.20
N ASP A 259 -5.79 -2.80 18.95
CA ASP A 259 -5.33 -2.55 17.61
C ASP A 259 -6.49 -2.18 16.67
N ALA A 260 -6.75 -2.98 15.64
CA ALA A 260 -7.73 -2.61 14.61
C ALA A 260 -9.13 -2.45 15.14
N LYS A 261 -9.47 -3.22 16.17
CA LYS A 261 -10.80 -3.19 16.76
C LYS A 261 -11.21 -1.79 17.17
N GLU A 262 -10.30 -1.04 17.79
CA GLU A 262 -10.52 0.37 18.15
C GLU A 262 -10.94 1.23 16.98
N VAL A 263 -10.26 1.04 15.83
CA VAL A 263 -10.55 1.79 14.63
C VAL A 263 -11.92 1.36 14.12
N MET A 264 -12.19 0.06 14.12
CA MET A 264 -13.44 -0.46 13.55
C MET A 264 -14.63 0.02 14.37
N GLU A 265 -14.37 0.29 15.64
CA GLU A 265 -15.43 0.71 16.57
C GLU A 265 -15.68 2.21 16.56
N HIS A 266 -14.86 2.96 15.85
CA HIS A 266 -15.04 4.40 15.84
C HIS A 266 -16.41 4.79 15.23
N ARG A 267 -17.04 5.85 15.74
CA ARG A 267 -18.34 6.25 15.20
C ARG A 267 -18.32 6.53 13.68
N PHE A 268 -17.19 6.95 13.12
CA PHE A 268 -17.11 7.16 11.66
C PHE A 268 -17.52 5.92 10.90
N PHE A 269 -17.21 4.76 11.47
CA PHE A 269 -17.48 3.47 10.82
C PHE A 269 -18.74 2.76 11.33
N LEU A 270 -19.61 3.49 12.04
CA LEU A 270 -20.88 2.96 12.60
C LEU A 270 -21.72 2.16 11.59
N SER A 271 -21.79 2.66 10.36
CA SER A 271 -22.59 2.06 9.30
C SER A 271 -21.94 0.81 8.68
N ILE A 272 -20.73 0.45 9.07
CA ILE A 272 -20.01 -0.63 8.42
C ILE A 272 -20.28 -1.96 9.11
N ASN A 273 -20.65 -2.98 8.33
CA ASN A 273 -20.63 -4.40 8.79
C ASN A 273 -19.29 -5.02 8.43
N TRP A 274 -18.44 -5.19 9.44
CA TRP A 274 -17.05 -5.55 9.25
C TRP A 274 -16.90 -6.96 8.68
N GLN A 275 -17.83 -7.84 9.08
CA GLN A 275 -17.82 -9.22 8.64
C GLN A 275 -18.15 -9.29 7.12
N ASP A 276 -18.97 -8.36 6.66
CA ASP A 276 -19.29 -8.22 5.27
C ASP A 276 -18.26 -7.51 4.40
N VAL A 277 -17.40 -6.70 5.03
CA VAL A 277 -16.36 -5.95 4.30
C VAL A 277 -15.46 -6.94 3.60
N VAL A 278 -14.98 -7.92 4.35
CA VAL A 278 -14.04 -8.89 3.87
C VAL A 278 -14.68 -9.86 2.89
N GLN A 279 -15.99 -10.01 2.96
CA GLN A 279 -16.73 -10.89 2.04
C GLN A 279 -17.17 -10.15 0.77
N LYS A 280 -16.86 -8.85 0.70
CA LYS A 280 -17.06 -8.04 -0.52
C LYS A 280 -18.51 -8.05 -0.96
N LYS A 281 -19.41 -7.82 -0.02
CA LYS A 281 -20.82 -7.72 -0.34
C LYS A 281 -21.22 -6.28 -0.63
N LEU A 282 -20.44 -5.31 -0.17
CA LEU A 282 -20.72 -3.91 -0.47
C LEU A 282 -20.43 -3.56 -1.96
N LEU A 283 -21.40 -2.95 -2.66
CA LEU A 283 -21.18 -2.37 -3.99
C LEU A 283 -20.14 -1.22 -3.90
N PRO A 284 -19.02 -1.34 -4.64
CA PRO A 284 -18.03 -0.28 -4.51
C PRO A 284 -18.54 1.04 -5.05
N PRO A 285 -18.01 2.15 -4.57
CA PRO A 285 -18.59 3.43 -5.01
C PRO A 285 -18.15 3.88 -6.41
N PHE A 286 -17.19 3.18 -7.02
CA PHE A 286 -16.63 3.51 -8.33
C PHE A 286 -16.10 2.24 -9.00
N LYS A 287 -16.66 1.87 -10.16
CA LYS A 287 -16.08 0.75 -10.91
C LYS A 287 -15.23 1.29 -12.07
N PRO A 288 -13.95 0.89 -12.15
CA PRO A 288 -13.11 1.32 -13.27
C PRO A 288 -13.75 1.00 -14.61
N GLN A 289 -13.83 1.98 -15.48
CA GLN A 289 -14.52 1.82 -16.75
C GLN A 289 -13.55 1.40 -17.87
N VAL A 290 -12.87 0.26 -17.70
CA VAL A 290 -11.90 -0.17 -18.70
C VAL A 290 -12.67 -0.95 -19.74
N THR A 291 -12.22 -0.88 -20.99
CA THR A 291 -12.91 -1.52 -22.10
C THR A 291 -12.24 -2.81 -22.56
N SER A 292 -11.18 -3.20 -21.86
CA SER A 292 -10.40 -4.38 -22.24
C SER A 292 -9.42 -4.65 -21.12
N GLU A 293 -8.91 -5.86 -21.06
CA GLU A 293 -7.87 -6.16 -20.07
C GLU A 293 -6.58 -5.36 -20.30
N VAL A 294 -6.34 -4.91 -21.53
CA VAL A 294 -5.11 -4.15 -21.84
C VAL A 294 -5.28 -2.61 -21.69
N ASP A 295 -6.48 -2.16 -21.34
CA ASP A 295 -6.77 -0.74 -21.21
C ASP A 295 -6.16 -0.20 -19.93
N THR A 296 -5.14 0.63 -20.07
CA THR A 296 -4.37 1.14 -18.91
C THR A 296 -4.72 2.63 -18.65
N ARG A 297 -5.99 2.98 -18.85
CA ARG A 297 -6.41 4.38 -18.75
C ARG A 297 -6.30 4.96 -17.32
N TYR A 298 -6.20 4.07 -16.31
CA TYR A 298 -6.08 4.52 -14.92
C TYR A 298 -4.65 4.55 -14.46
N PHE A 299 -3.72 4.52 -15.40
CA PHE A 299 -2.30 4.58 -15.13
C PHE A 299 -1.73 5.77 -15.91
N ASP A 300 -0.66 6.34 -15.40
CA ASP A 300 -0.11 7.56 -15.97
C ASP A 300 0.54 7.33 -17.33
N ASP A 301 0.26 8.24 -18.28
CA ASP A 301 0.85 8.18 -19.65
C ASP A 301 2.36 8.19 -19.56
N GLU A 302 2.85 8.96 -18.59
CA GLU A 302 4.24 8.99 -18.17
C GLU A 302 4.84 7.58 -18.24
N PHE A 303 4.16 6.59 -17.64
CA PHE A 303 4.65 5.20 -17.64
C PHE A 303 4.15 4.43 -18.86
N THR A 304 2.84 4.43 -19.12
CA THR A 304 2.29 3.56 -20.17
C THR A 304 2.75 3.85 -21.61
N ALA A 305 3.22 5.08 -21.88
CA ALA A 305 3.74 5.42 -23.21
C ALA A 305 5.13 4.82 -23.43
N GLN A 306 5.86 4.54 -22.35
CA GLN A 306 7.24 4.04 -22.48
C GLN A 306 7.26 2.66 -23.14
N SER A 307 8.20 2.45 -24.06
CA SER A 307 8.31 1.14 -24.72
C SER A 307 9.16 0.22 -23.87
N ILE A 308 9.04 -1.06 -24.15
CA ILE A 308 9.68 -2.07 -23.32
C ILE A 308 10.47 -3.02 -24.22
N THR A 309 11.69 -2.59 -24.53
CA THR A 309 12.61 -3.38 -25.34
C THR A 309 13.48 -4.20 -24.41
N GLN A 330 21.72 -19.70 -5.85
CA GLN A 330 21.27 -18.42 -5.33
C GLN A 330 21.75 -18.26 -3.88
N GLU A 331 21.32 -19.18 -3.01
CA GLU A 331 21.59 -19.14 -1.56
C GLU A 331 20.90 -17.93 -0.90
N MET A 332 21.42 -16.76 -1.24
CA MET A 332 20.85 -15.44 -0.88
C MET A 332 19.33 -15.33 -1.16
N PHE A 333 18.88 -15.90 -2.29
CA PHE A 333 17.48 -15.89 -2.69
C PHE A 333 16.88 -17.28 -2.54
N GLU A 334 17.07 -17.90 -1.36
CA GLU A 334 16.54 -19.25 -1.10
C GLU A 334 15.00 -19.23 -1.01
N ASP A 335 14.44 -18.36 -0.17
CA ASP A 335 12.98 -18.33 0.08
C ASP A 335 12.18 -17.58 -1.02
N PHE A 336 12.71 -17.47 -2.24
CA PHE A 336 12.13 -16.53 -3.23
C PHE A 336 11.12 -17.14 -4.16
N ASP A 337 11.46 -18.26 -4.77
CA ASP A 337 10.62 -18.89 -5.80
C ASP A 337 9.32 -19.40 -5.17
N TYR A 338 8.29 -19.54 -6.00
CA TYR A 338 6.93 -19.77 -5.48
C TYR A 338 5.90 -19.94 -6.59
N ILE A 339 5.02 -20.91 -6.43
CA ILE A 339 3.88 -21.13 -7.30
C ILE A 339 2.63 -21.29 -6.40
N ALA A 340 1.63 -20.45 -6.65
CA ALA A 340 0.41 -20.39 -5.84
C ALA A 340 -0.43 -21.64 -6.05
N ASP A 341 -1.25 -21.97 -5.07
CA ASP A 341 -2.24 -23.03 -5.18
C ASP A 341 -3.62 -22.48 -5.58
N TRP A 342 -3.62 -21.41 -6.38
CA TRP A 342 -4.82 -20.85 -7.01
C TRP A 342 -4.56 -20.50 -8.47
N GLY B 1 -2.78 18.58 -5.64
CA GLY B 1 -2.30 17.60 -6.67
C GLY B 1 -0.83 17.34 -6.44
N ARG B 2 -0.52 16.65 -5.34
CA ARG B 2 0.84 16.59 -4.83
C ARG B 2 1.75 15.81 -5.76
N PRO B 3 3.07 16.07 -5.68
CA PRO B 3 4.00 15.21 -6.42
C PRO B 3 3.95 13.79 -5.87
N ARG B 4 4.43 12.88 -6.72
CA ARG B 4 4.55 11.50 -6.40
C ARG B 4 5.66 11.37 -5.35
N THR B 5 5.49 10.44 -4.42
CA THR B 5 6.38 10.31 -3.27
C THR B 5 7.28 9.09 -3.48
N THR B 6 8.33 8.99 -2.70
CA THR B 6 9.25 7.86 -2.83
C THR B 6 9.48 7.19 -1.51
N SER B 7 9.30 5.87 -1.49
CA SER B 7 9.56 5.06 -0.31
C SER B 7 11.07 4.98 -0.09
N PHE B 8 11.50 4.86 1.15
CA PHE B 8 12.95 4.69 1.42
C PHE B 8 13.18 3.79 2.64
N ALA B 9 14.42 3.34 2.83
CA ALA B 9 14.87 2.78 4.10
C ALA B 9 16.32 3.21 4.37
N GLU B 10 16.63 3.55 5.62
CA GLU B 10 18.02 3.74 6.06
C GLU B 10 18.30 2.68 7.12
N1 X39 C . 2.08 -1.65 -9.92
C2 X39 C . 2.89 -1.66 -8.69
C3 X39 C . 2.38 -0.61 -7.72
C4 X39 C . 2.28 0.78 -8.37
N5 X39 C . 1.50 1.68 -7.45
C9 X39 C . 1.53 0.70 -9.69
C10 X39 C . 2.11 -0.36 -10.59
C11 X39 C . 3.66 1.44 -8.59
O12 X39 C . 3.90 2.04 -9.60
N13 X39 C . 4.57 1.34 -7.61
C14 X39 C . 5.91 1.87 -7.78
C15 X39 C . 6.92 0.77 -7.91
C16 X39 C . 7.35 0.35 -9.18
C17 X39 C . 8.27 -0.67 -9.30
C18 X39 C . 8.78 -1.27 -8.16
CL1 X39 C . 9.95 -2.54 -8.31
C20 X39 C . 8.37 -0.86 -6.91
C21 X39 C . 7.44 0.15 -6.78
C22 X39 C . 0.95 -2.51 -10.09
N23 X39 C . 0.04 -2.10 -10.99
C24 X39 C . -1.03 -2.88 -11.18
N25 X39 C . -1.31 -4.05 -10.59
C26 X39 C . -0.40 -4.43 -9.72
N27 X39 C . -0.40 -5.57 -8.97
C29 X39 C . 0.70 -5.60 -8.20
C30 X39 C . 1.41 -4.49 -8.47
C31 X39 C . 0.76 -3.74 -9.39
#